data_7A51
#
_entry.id   7A51
#
_cell.length_a   81.512
_cell.length_b   81.512
_cell.length_c   123.668
_cell.angle_alpha   90.000
_cell.angle_beta   90.000
_cell.angle_gamma   90.000
#
_symmetry.space_group_name_H-M   'P 43 21 2'
#
loop_
_entity.id
_entity.type
_entity.pdbx_description
1 polymer 'Dual specificity tyrosine-phosphorylation-regulated kinase 1A'
2 non-polymer 4-azanyl-6-bromanyl-7-methyl-pyrrolo[2,3-d]pyrimidine-5-carbonitrile
3 water water
#
_entity_poly.entity_id   1
_entity_poly.type   'polypeptide(L)'
_entity_poly.pdbx_seq_one_letter_code
;MGSSHHHHHHSSGLVPRG(SEP)HMIVKNGEKWMDRYEIDSLIGKGSFGQVVKAYDRVEQEWVAIKIIKNKKAFLNQAQI
EVRLLELMNKHDTEMKYYIVHLKRHFMFRNHLCLVFEMLSYNLYDLLRNTNFRGVSLNLTRKFAQQMCTALLFLATPELS
IIHCDLKPENILLCNPKRSAIKIVDFGSSCQLGQRIYQ(PTR)IQSRFYRSPEVLLGMPYDLAIDMWSLGCILVEMHTGE
PLFSGANEVDQMNKIVEVLGIPPAHILDQAPKARKFFEKLPDGTWNLKKTKDGKREYKPPGTRKLHNILGVETGGPGGRR
AGESGHTVADYLKFKDLILRMLDYDPKTRIQPYYALQHSFFKKTADE
;
_entity_poly.pdbx_strand_id   A
#
loop_
_chem_comp.id
_chem_comp.type
_chem_comp.name
_chem_comp.formula
QYK non-polymer 4-azanyl-6-bromanyl-7-methyl-pyrrolo[2,3-d]pyrimidine-5-carbonitrile 'C8 H6 Br N5'
#
# COMPACT_ATOMS: atom_id res chain seq x y z
N MET A 21 -7.74 15.01 22.56
CA MET A 21 -9.07 14.69 23.16
C MET A 21 -8.94 13.43 24.03
N ILE A 22 -9.10 13.56 25.35
CA ILE A 22 -9.18 12.43 26.32
C ILE A 22 -10.54 11.74 26.12
N VAL A 23 -10.57 10.46 25.77
CA VAL A 23 -11.86 9.72 25.65
C VAL A 23 -11.82 8.55 26.63
N LYS A 24 -12.56 8.68 27.74
CA LYS A 24 -12.64 7.62 28.75
C LYS A 24 -13.41 6.43 28.16
N ASN A 25 -13.03 5.20 28.52
CA ASN A 25 -13.89 4.00 28.32
C ASN A 25 -15.19 4.25 29.10
N GLY A 26 -16.34 3.91 28.52
CA GLY A 26 -17.66 4.02 29.20
C GLY A 26 -18.39 5.27 28.76
N GLU A 27 -17.64 6.30 28.34
CA GLU A 27 -18.18 7.54 27.72
C GLU A 27 -19.27 7.20 26.70
N LYS A 28 -20.41 7.88 26.78
CA LYS A 28 -21.56 7.69 25.87
C LYS A 28 -21.63 8.93 24.97
N TRP A 29 -21.76 8.77 23.66
CA TRP A 29 -21.92 9.88 22.69
C TRP A 29 -23.30 9.82 22.04
N MET A 30 -24.08 10.90 22.19
CA MET A 30 -25.28 11.20 21.38
C MET A 30 -26.31 10.07 21.49
N ASP A 31 -26.46 9.53 22.71
CA ASP A 31 -27.33 8.35 23.01
C ASP A 31 -27.21 7.33 21.88
N ARG A 32 -26.00 7.09 21.33
CA ARG A 32 -25.81 6.14 20.19
C ARG A 32 -24.54 5.30 20.39
N TYR A 33 -23.39 5.87 20.79
CA TYR A 33 -22.08 5.16 20.80
C TYR A 33 -21.53 5.09 22.23
N GLU A 34 -21.14 3.90 22.66
CA GLU A 34 -20.40 3.76 23.93
C GLU A 34 -18.94 3.43 23.62
N ILE A 35 -18.03 4.32 24.01
CA ILE A 35 -16.57 4.20 23.73
C ILE A 35 -16.05 3.09 24.62
N ASP A 36 -15.27 2.18 24.06
CA ASP A 36 -14.70 1.03 24.79
C ASP A 36 -13.21 1.24 25.02
N SER A 37 -12.44 1.52 23.97
CA SER A 37 -10.95 1.44 24.04
C SER A 37 -10.33 2.08 22.79
N LEU A 38 -9.06 2.42 22.94
CA LEU A 38 -8.20 2.96 21.88
C LEU A 38 -7.71 1.78 21.05
N ILE A 39 -7.96 1.80 19.75
CA ILE A 39 -7.44 0.77 18.80
C ILE A 39 -6.12 1.28 18.25
N GLY A 40 -6.05 2.57 17.93
CA GLY A 40 -5.04 3.07 16.98
C GLY A 40 -4.89 4.57 17.06
N LYS A 41 -3.72 5.06 16.68
CA LYS A 41 -3.36 6.51 16.68
C LYS A 41 -2.60 6.80 15.39
N GLY A 42 -2.62 8.04 14.96
CA GLY A 42 -1.96 8.46 13.70
C GLY A 42 -1.68 9.93 13.76
N SER A 43 -1.04 10.46 12.71
CA SER A 43 -0.86 11.92 12.51
C SER A 43 -2.23 12.61 12.56
N PHE A 44 -3.30 11.94 12.07
CA PHE A 44 -4.68 12.46 11.88
C PHE A 44 -5.48 12.58 13.20
N GLY A 45 -5.14 11.82 14.25
CA GLY A 45 -5.95 11.70 15.48
C GLY A 45 -5.98 10.27 16.00
N GLN A 46 -7.15 9.73 16.34
CA GLN A 46 -7.20 8.38 16.96
C GLN A 46 -8.40 7.56 16.48
N VAL A 47 -8.25 6.25 16.61
CA VAL A 47 -9.29 5.25 16.25
C VAL A 47 -9.67 4.53 17.54
N VAL A 48 -10.97 4.52 17.84
CA VAL A 48 -11.51 3.87 19.07
C VAL A 48 -12.49 2.79 18.66
N LYS A 49 -12.56 1.76 19.49
CA LYS A 49 -13.63 0.74 19.47
C LYS A 49 -14.81 1.35 20.23
N ALA A 50 -16.00 1.23 19.65
CA ALA A 50 -17.26 1.80 20.16
C ALA A 50 -18.42 0.87 19.85
N TYR A 51 -19.41 0.80 20.73
CA TYR A 51 -20.65 0.03 20.52
C TYR A 51 -21.73 0.97 19.99
N ASP A 52 -22.27 0.65 18.83
CA ASP A 52 -23.40 1.39 18.21
C ASP A 52 -24.71 0.75 18.66
N ARG A 53 -25.45 1.41 19.56
CA ARG A 53 -26.76 0.96 20.09
C ARG A 53 -27.81 0.89 18.97
N VAL A 54 -27.65 1.57 17.84
CA VAL A 54 -28.76 1.58 16.83
C VAL A 54 -28.61 0.33 15.98
N GLU A 55 -27.47 0.12 15.35
CA GLU A 55 -27.29 -1.08 14.50
C GLU A 55 -27.10 -2.28 15.41
N GLN A 56 -26.78 -2.06 16.68
CA GLN A 56 -26.40 -3.16 17.63
C GLN A 56 -25.18 -3.93 17.09
N GLU A 57 -24.05 -3.24 17.00
CA GLU A 57 -22.79 -3.83 16.51
C GLU A 57 -21.66 -2.95 17.03
N TRP A 58 -20.48 -3.51 17.07
CA TRP A 58 -19.24 -2.77 17.35
C TRP A 58 -18.77 -2.08 16.07
N VAL A 59 -18.21 -0.89 16.21
CA VAL A 59 -17.68 -0.10 15.08
C VAL A 59 -16.33 0.46 15.49
N ALA A 60 -15.55 0.87 14.50
CA ALA A 60 -14.29 1.62 14.67
C ALA A 60 -14.59 3.08 14.33
N ILE A 61 -14.31 3.97 15.26
CA ILE A 61 -14.53 5.42 15.00
C ILE A 61 -13.16 6.10 14.92
N LYS A 62 -12.86 6.64 13.74
CA LYS A 62 -11.66 7.47 13.47
C LYS A 62 -12.00 8.91 13.85
N ILE A 63 -11.34 9.41 14.89
CA ILE A 63 -11.58 10.75 15.47
C ILE A 63 -10.45 11.66 14.99
N ILE A 64 -10.79 12.58 14.11
CA ILE A 64 -9.82 13.54 13.53
C ILE A 64 -9.54 14.64 14.56
N LYS A 65 -8.28 15.05 14.65
CA LYS A 65 -7.86 16.16 15.52
C LYS A 65 -8.67 17.41 15.15
N ASN A 66 -8.92 18.23 16.16
CA ASN A 66 -9.64 19.53 16.06
C ASN A 66 -8.67 20.63 15.57
N LYS A 67 -8.02 20.42 14.42
CA LYS A 67 -7.14 21.43 13.77
C LYS A 67 -7.49 21.49 12.29
N LYS A 68 -7.54 22.71 11.76
CA LYS A 68 -7.98 23.00 10.38
C LYS A 68 -7.34 22.04 9.39
N ALA A 69 -6.02 21.80 9.52
CA ALA A 69 -5.24 21.06 8.52
C ALA A 69 -5.78 19.63 8.46
N PHE A 70 -5.98 19.03 9.63
CA PHE A 70 -6.42 17.62 9.75
C PHE A 70 -7.89 17.53 9.32
N LEU A 71 -8.72 18.47 9.74
CA LEU A 71 -10.16 18.51 9.34
C LEU A 71 -10.28 18.53 7.82
N ASN A 72 -9.57 19.43 7.14
CA ASN A 72 -9.75 19.69 5.68
C ASN A 72 -9.33 18.45 4.90
N GLN A 73 -8.24 17.81 5.32
CA GLN A 73 -7.78 16.60 4.62
C GLN A 73 -8.80 15.49 4.90
N ALA A 74 -9.32 15.36 6.13
CA ALA A 74 -10.28 14.28 6.45
C ALA A 74 -11.60 14.51 5.67
N GLN A 75 -11.95 15.77 5.37
CA GLN A 75 -13.16 16.06 4.56
C GLN A 75 -12.98 15.46 3.17
N ILE A 76 -11.76 15.47 2.64
CA ILE A 76 -11.47 14.84 1.30
C ILE A 76 -11.64 13.33 1.46
N GLU A 77 -11.10 12.79 2.54
CA GLU A 77 -11.19 11.34 2.82
C GLU A 77 -12.67 10.89 2.86
N VAL A 78 -13.52 11.63 3.57
CA VAL A 78 -14.98 11.33 3.65
C VAL A 78 -15.57 11.39 2.25
N ARG A 79 -15.24 12.43 1.48
CA ARG A 79 -15.81 12.56 0.12
C ARG A 79 -15.45 11.33 -0.71
N LEU A 80 -14.20 10.88 -0.67
CA LEU A 80 -13.75 9.75 -1.52
C LEU A 80 -14.41 8.44 -1.04
N LEU A 81 -14.53 8.24 0.26
CA LEU A 81 -15.24 7.04 0.79
C LEU A 81 -16.72 7.07 0.35
N GLU A 82 -17.37 8.24 0.42
CA GLU A 82 -18.83 8.31 0.05
C GLU A 82 -18.92 8.01 -1.45
N LEU A 83 -18.01 8.59 -2.27
CA LEU A 83 -17.97 8.33 -3.73
C LEU A 83 -17.91 6.82 -3.97
N MET A 84 -17.05 6.10 -3.25
CA MET A 84 -16.84 4.64 -3.46
C MET A 84 -18.14 3.88 -3.08
N ASN A 85 -18.80 4.31 -2.00
CA ASN A 85 -20.00 3.64 -1.44
C ASN A 85 -21.13 3.61 -2.47
N LYS A 86 -21.32 4.70 -3.21
CA LYS A 86 -22.44 4.83 -4.18
C LYS A 86 -22.16 4.01 -5.45
N HIS A 87 -21.08 3.23 -5.53
CA HIS A 87 -20.77 2.32 -6.67
C HIS A 87 -20.93 0.84 -6.28
N ASP A 88 -22.15 0.32 -6.23
CA ASP A 88 -22.44 -1.12 -5.95
C ASP A 88 -21.96 -1.99 -7.13
N THR A 89 -20.80 -2.62 -6.97
CA THR A 89 -20.15 -3.58 -7.92
C THR A 89 -19.46 -4.66 -7.09
N GLU A 90 -19.13 -5.81 -7.70
CA GLU A 90 -18.46 -6.96 -7.03
C GLU A 90 -17.00 -6.67 -6.67
N MET A 91 -16.48 -5.50 -7.04
CA MET A 91 -15.04 -5.16 -6.91
C MET A 91 -14.88 -4.17 -5.73
N LYS A 92 -15.99 -3.60 -5.26
CA LYS A 92 -15.99 -2.58 -4.18
C LYS A 92 -15.69 -3.16 -2.77
N TYR A 93 -15.76 -4.48 -2.54
CA TYR A 93 -15.78 -5.04 -1.16
C TYR A 93 -14.37 -5.42 -0.68
N TYR A 94 -13.29 -4.85 -1.28
CA TYR A 94 -11.93 -4.96 -0.66
C TYR A 94 -11.55 -3.62 -0.05
N ILE A 95 -12.50 -2.69 0.10
CA ILE A 95 -12.27 -1.36 0.73
C ILE A 95 -13.04 -1.35 2.03
N VAL A 96 -12.48 -0.80 3.09
CA VAL A 96 -13.21 -0.66 4.37
C VAL A 96 -14.47 0.15 4.12
N HIS A 97 -15.58 -0.27 4.74
CA HIS A 97 -16.89 0.43 4.64
C HIS A 97 -16.94 1.59 5.65
N LEU A 98 -17.01 2.82 5.13
CA LEU A 98 -17.47 3.98 5.94
C LEU A 98 -18.99 3.88 6.10
N LYS A 99 -19.45 3.77 7.33
CA LYS A 99 -20.88 3.62 7.67
C LYS A 99 -21.52 5.01 7.76
N ARG A 100 -20.85 5.98 8.36
CA ARG A 100 -21.33 7.37 8.45
C ARG A 100 -20.25 8.25 9.08
N HIS A 101 -20.51 9.54 9.15
CA HIS A 101 -19.60 10.52 9.77
C HIS A 101 -20.44 11.59 10.43
N PHE A 102 -19.90 12.20 11.46
CA PHE A 102 -20.56 13.32 12.17
C PHE A 102 -19.48 14.19 12.79
N MET A 103 -19.87 15.42 13.14
CA MET A 103 -19.03 16.34 13.92
C MET A 103 -19.42 16.20 15.39
N PHE A 104 -18.44 16.08 16.28
CA PHE A 104 -18.66 15.92 17.74
C PHE A 104 -17.53 16.61 18.52
N ARG A 105 -17.87 17.63 19.33
CA ARG A 105 -16.89 18.45 20.11
C ARG A 105 -15.85 19.05 19.14
N ASN A 106 -16.24 19.37 17.90
CA ASN A 106 -15.38 19.99 16.85
C ASN A 106 -14.34 18.99 16.29
N HIS A 107 -14.56 17.69 16.44
CA HIS A 107 -13.77 16.63 15.77
C HIS A 107 -14.62 15.96 14.70
N LEU A 108 -14.18 15.95 13.44
CA LEU A 108 -14.82 15.09 12.42
C LEU A 108 -14.57 13.63 12.84
N CYS A 109 -15.64 12.85 12.89
CA CYS A 109 -15.66 11.45 13.35
C CYS A 109 -16.12 10.55 12.21
N LEU A 110 -15.30 9.57 11.82
CA LEU A 110 -15.64 8.64 10.70
C LEU A 110 -15.94 7.28 11.33
N VAL A 111 -17.10 6.71 11.04
CA VAL A 111 -17.54 5.42 11.66
C VAL A 111 -17.36 4.33 10.61
N PHE A 112 -16.49 3.35 10.88
CA PHE A 112 -16.25 2.21 9.98
C PHE A 112 -16.75 0.91 10.61
N GLU A 113 -16.97 -0.08 9.76
CA GLU A 113 -17.08 -1.49 10.25
C GLU A 113 -15.84 -1.81 11.09
N MET A 114 -15.93 -2.73 12.07
CA MET A 114 -14.73 -3.25 12.76
C MET A 114 -14.01 -4.21 11.79
N LEU A 115 -12.70 -4.07 11.72
CA LEU A 115 -11.85 -5.10 11.12
C LEU A 115 -10.89 -5.61 12.19
N SER A 116 -10.07 -6.59 11.79
CA SER A 116 -9.07 -7.31 12.63
C SER A 116 -7.71 -6.65 12.42
N TYR A 117 -6.64 -7.40 12.65
CA TYR A 117 -5.28 -6.83 12.74
C TYR A 117 -4.73 -6.66 11.33
N ASN A 118 -3.63 -5.93 11.22
CA ASN A 118 -3.09 -5.49 9.92
C ASN A 118 -1.96 -6.42 9.46
N LEU A 119 -1.58 -6.32 8.19
CA LEU A 119 -0.60 -7.28 7.61
C LEU A 119 0.80 -7.02 8.16
N TYR A 120 1.12 -5.85 8.69
CA TYR A 120 2.43 -5.69 9.39
C TYR A 120 2.45 -6.59 10.65
N ASP A 121 1.37 -6.56 11.41
CA ASP A 121 1.21 -7.41 12.62
C ASP A 121 1.29 -8.86 12.18
N LEU A 122 0.67 -9.21 11.07
CA LEU A 122 0.77 -10.61 10.57
C LEU A 122 2.25 -10.96 10.41
N LEU A 123 3.03 -10.11 9.75
CA LEU A 123 4.46 -10.40 9.51
C LEU A 123 5.19 -10.47 10.86
N ARG A 124 4.92 -9.52 11.77
CA ARG A 124 5.56 -9.53 13.13
C ARG A 124 5.26 -10.87 13.81
N ASN A 125 4.07 -11.42 13.61
CA ASN A 125 3.65 -12.68 14.23
C ASN A 125 4.41 -13.87 13.60
N THR A 126 4.97 -13.74 12.40
CA THR A 126 5.81 -14.80 11.73
C THR A 126 7.29 -14.61 12.12
N ASN A 127 7.58 -13.68 13.04
CA ASN A 127 8.97 -13.26 13.38
C ASN A 127 9.62 -12.77 12.10
N PHE A 128 8.85 -12.11 11.24
CA PHE A 128 9.36 -11.55 9.98
C PHE A 128 9.99 -12.64 9.12
N ARG A 129 9.46 -13.85 9.13
CA ARG A 129 9.92 -14.91 8.19
C ARG A 129 8.97 -15.01 6.98
N GLY A 130 7.81 -14.36 7.03
CA GLY A 130 6.92 -14.24 5.85
C GLY A 130 5.82 -15.28 5.84
N VAL A 131 4.78 -15.05 5.04
CA VAL A 131 3.69 -16.04 4.90
C VAL A 131 3.94 -16.83 3.61
N SER A 132 3.19 -17.91 3.42
CA SER A 132 3.37 -18.83 2.26
C SER A 132 3.08 -18.08 0.96
N LEU A 133 3.63 -18.60 -0.14
CA LEU A 133 3.27 -18.14 -1.49
C LEU A 133 1.76 -18.28 -1.72
N ASN A 134 1.09 -19.27 -1.16
CA ASN A 134 -0.37 -19.44 -1.32
C ASN A 134 -1.15 -18.35 -0.60
N LEU A 135 -0.70 -17.94 0.59
CA LEU A 135 -1.40 -16.85 1.31
C LEU A 135 -1.06 -15.52 0.63
N THR A 136 0.17 -15.36 0.18
CA THR A 136 0.63 -14.17 -0.58
C THR A 136 -0.29 -14.03 -1.80
N ARG A 137 -0.52 -15.13 -2.52
CA ARG A 137 -1.37 -15.09 -3.75
C ARG A 137 -2.79 -14.60 -3.38
N LYS A 138 -3.37 -15.08 -2.30
CA LYS A 138 -4.73 -14.69 -1.88
C LYS A 138 -4.75 -13.19 -1.61
N PHE A 139 -3.72 -12.66 -0.94
CA PHE A 139 -3.63 -11.21 -0.66
C PHE A 139 -3.51 -10.47 -1.99
N ALA A 140 -2.63 -10.95 -2.88
CA ALA A 140 -2.37 -10.29 -4.17
C ALA A 140 -3.69 -10.19 -4.94
N GLN A 141 -4.50 -11.25 -4.96
CA GLN A 141 -5.71 -11.26 -5.80
C GLN A 141 -6.70 -10.22 -5.26
N GLN A 142 -6.90 -10.20 -3.96
CA GLN A 142 -7.81 -9.22 -3.36
C GLN A 142 -7.30 -7.79 -3.63
N MET A 143 -6.00 -7.55 -3.47
CA MET A 143 -5.47 -6.15 -3.57
C MET A 143 -5.56 -5.70 -5.04
N CYS A 144 -5.28 -6.58 -5.98
CA CYS A 144 -5.42 -6.26 -7.43
C CYS A 144 -6.90 -5.94 -7.75
N THR A 145 -7.83 -6.69 -7.17
CA THR A 145 -9.27 -6.43 -7.32
C THR A 145 -9.60 -5.05 -6.76
N ALA A 146 -9.10 -4.71 -5.59
CA ALA A 146 -9.33 -3.38 -4.99
C ALA A 146 -8.79 -2.27 -5.92
N LEU A 147 -7.60 -2.46 -6.48
CA LEU A 147 -6.97 -1.44 -7.34
C LEU A 147 -7.79 -1.31 -8.63
N LEU A 148 -8.31 -2.44 -9.14
CA LEU A 148 -9.23 -2.43 -10.33
C LEU A 148 -10.45 -1.55 -9.99
N PHE A 149 -11.03 -1.73 -8.83
CA PHE A 149 -12.17 -0.90 -8.40
C PHE A 149 -11.80 0.58 -8.34
N LEU A 150 -10.66 0.93 -7.75
CA LEU A 150 -10.30 2.37 -7.61
C LEU A 150 -10.06 2.96 -9.01
N ALA A 151 -9.69 2.14 -9.98
CA ALA A 151 -9.39 2.61 -11.34
C ALA A 151 -10.68 2.80 -12.16
N THR A 152 -11.85 2.46 -11.60
CA THR A 152 -13.16 2.81 -12.24
C THR A 152 -13.10 4.28 -12.65
N PRO A 153 -13.32 4.62 -13.95
CA PRO A 153 -13.12 5.98 -14.44
C PRO A 153 -13.74 7.06 -13.56
N GLU A 154 -14.97 6.87 -13.11
CA GLU A 154 -15.71 7.90 -12.35
C GLU A 154 -15.11 8.00 -10.94
N LEU A 155 -14.30 7.03 -10.49
CA LEU A 155 -13.56 7.12 -9.20
C LEU A 155 -12.16 7.64 -9.50
N SER A 156 -11.34 6.88 -10.22
CA SER A 156 -9.93 7.26 -10.55
C SER A 156 -9.23 7.69 -9.25
N ILE A 157 -9.33 6.85 -8.24
CA ILE A 157 -8.80 7.20 -6.90
C ILE A 157 -7.40 6.60 -6.74
N ILE A 158 -6.47 7.45 -6.35
CA ILE A 158 -5.08 7.04 -5.99
C ILE A 158 -5.03 6.94 -4.47
N HIS A 159 -4.82 5.74 -3.95
CA HIS A 159 -4.72 5.52 -2.49
C HIS A 159 -3.61 6.38 -1.90
N CYS A 160 -2.40 6.25 -2.46
CA CYS A 160 -1.20 7.07 -2.17
C CYS A 160 -0.49 6.65 -0.88
N ASP A 161 -1.01 5.69 -0.08
CA ASP A 161 -0.28 5.22 1.12
C ASP A 161 -0.49 3.73 1.35
N LEU A 162 -0.33 2.90 0.34
CA LEU A 162 -0.46 1.44 0.47
C LEU A 162 0.81 0.91 1.14
N LYS A 163 0.59 0.10 2.14
CA LYS A 163 1.63 -0.52 2.97
C LYS A 163 0.93 -1.58 3.84
N PRO A 164 1.71 -2.55 4.37
CA PRO A 164 1.13 -3.63 5.16
C PRO A 164 0.22 -3.11 6.29
N GLU A 165 0.60 -2.01 6.95
CA GLU A 165 -0.17 -1.46 8.09
C GLU A 165 -1.57 -1.01 7.61
N ASN A 166 -1.72 -0.65 6.35
CA ASN A 166 -2.98 -0.09 5.80
C ASN A 166 -3.80 -1.20 5.13
N ILE A 167 -3.47 -2.45 5.42
CA ILE A 167 -4.28 -3.59 4.90
C ILE A 167 -4.68 -4.43 6.12
N LEU A 168 -5.97 -4.56 6.37
CA LEU A 168 -6.50 -5.24 7.59
C LEU A 168 -7.20 -6.53 7.19
N LEU A 169 -6.99 -7.56 8.00
CA LEU A 169 -7.81 -8.79 7.91
C LEU A 169 -9.24 -8.40 8.29
N CYS A 170 -10.21 -8.97 7.59
CA CYS A 170 -11.64 -8.86 7.95
C CYS A 170 -12.00 -9.62 9.23
N ASN A 171 -11.23 -10.66 9.56
CA ASN A 171 -11.59 -11.66 10.60
C ASN A 171 -10.29 -12.38 10.96
N PRO A 172 -9.88 -12.45 12.24
CA PRO A 172 -8.62 -13.12 12.58
C PRO A 172 -8.56 -14.61 12.18
N LYS A 173 -9.70 -15.26 11.96
CA LYS A 173 -9.74 -16.69 11.55
C LYS A 173 -9.49 -16.82 10.05
N ARG A 174 -9.54 -15.74 9.26
CA ARG A 174 -9.73 -15.84 7.79
C ARG A 174 -8.67 -15.02 7.03
N SER A 175 -8.61 -15.18 5.71
CA SER A 175 -7.57 -14.52 4.88
C SER A 175 -8.20 -13.42 4.01
N ALA A 176 -9.46 -13.04 4.27
CA ALA A 176 -10.04 -11.86 3.60
C ALA A 176 -9.36 -10.58 4.12
N ILE A 177 -9.11 -9.61 3.25
CA ILE A 177 -8.49 -8.31 3.62
C ILE A 177 -9.30 -7.14 3.05
N LYS A 178 -9.15 -6.01 3.68
CA LYS A 178 -9.63 -4.71 3.16
C LYS A 178 -8.56 -3.65 3.34
N ILE A 179 -8.54 -2.71 2.40
CA ILE A 179 -7.65 -1.51 2.48
C ILE A 179 -8.32 -0.47 3.37
N VAL A 180 -7.55 0.19 4.21
CA VAL A 180 -8.00 1.31 5.05
C VAL A 180 -7.13 2.53 4.73
N ASP A 181 -7.45 3.64 5.37
CA ASP A 181 -6.65 4.90 5.40
C ASP A 181 -6.59 5.52 4.01
N PHE A 182 -7.68 6.17 3.64
CA PHE A 182 -7.80 7.02 2.44
C PHE A 182 -7.45 8.47 2.84
N GLY A 183 -6.58 8.61 3.81
CA GLY A 183 -6.21 9.89 4.44
C GLY A 183 -5.34 10.77 3.55
N SER A 184 -4.60 10.17 2.62
CA SER A 184 -3.63 10.78 1.67
C SER A 184 -4.22 10.72 0.29
N SER A 185 -5.33 10.01 0.13
CA SER A 185 -5.85 9.67 -1.20
C SER A 185 -6.32 10.94 -1.93
N CYS A 186 -6.23 10.88 -3.25
CA CYS A 186 -6.71 11.94 -4.17
C CYS A 186 -7.22 11.29 -5.46
N GLN A 187 -8.17 11.96 -6.12
CA GLN A 187 -8.57 11.55 -7.47
C GLN A 187 -7.48 11.98 -8.44
N LEU A 188 -7.37 11.26 -9.54
CA LEU A 188 -6.46 11.62 -10.64
C LEU A 188 -6.73 13.08 -11.03
N GLY A 189 -5.71 13.91 -11.17
CA GLY A 189 -5.95 15.33 -11.51
C GLY A 189 -6.39 16.16 -10.31
N GLN A 190 -6.38 15.62 -9.09
CA GLN A 190 -6.67 16.40 -7.87
C GLN A 190 -5.48 16.29 -6.87
N ARG A 191 -4.26 16.18 -7.37
CA ARG A 191 -3.03 16.03 -6.57
C ARG A 191 -2.88 17.30 -5.70
N ILE A 192 -2.47 17.11 -4.46
CA ILE A 192 -2.11 18.25 -3.56
C ILE A 192 -0.60 18.23 -3.34
N TYR A 193 -0.06 17.10 -2.84
CA TYR A 193 1.34 17.00 -2.38
C TYR A 193 2.19 16.29 -3.42
N GLN A 194 3.41 16.79 -3.63
CA GLN A 194 4.46 16.16 -4.44
C GLN A 194 5.05 15.00 -3.64
N PTR A 195 5.25 15.19 -2.32
CA PTR A 195 5.87 14.22 -1.46
C PTR A 195 4.79 13.37 -0.80
O PTR A 195 4.14 13.85 0.12
CB PTR A 195 6.66 14.91 -0.34
CG PTR A 195 7.60 14.10 0.51
CD1 PTR A 195 7.24 13.68 1.77
CD2 PTR A 195 8.88 13.86 0.09
CE1 PTR A 195 8.12 13.00 2.60
CE2 PTR A 195 9.80 13.19 0.89
CZ PTR A 195 9.38 12.71 2.12
OH PTR A 195 10.37 12.24 2.97
P PTR A 195 10.43 10.89 3.68
O1P PTR A 195 11.01 10.98 5.01
O2P PTR A 195 9.09 10.22 3.76
O3P PTR A 195 11.35 10.13 2.76
N ILE A 196 4.62 12.13 -1.30
CA ILE A 196 3.58 11.23 -0.83
C ILE A 196 4.10 9.80 -0.80
N GLN A 197 3.30 8.90 -0.21
CA GLN A 197 3.56 7.46 -0.01
C GLN A 197 4.57 7.30 1.13
N SER A 198 4.51 6.17 1.82
CA SER A 198 5.52 5.80 2.82
C SER A 198 6.77 5.41 2.04
N ARG A 199 7.93 5.84 2.53
CA ARG A 199 9.19 5.82 1.74
C ARG A 199 9.45 4.43 1.18
N PHE A 200 9.37 3.36 1.99
CA PHE A 200 9.67 1.98 1.53
C PHE A 200 8.80 1.59 0.32
N TYR A 201 7.60 2.18 0.21
CA TYR A 201 6.55 1.83 -0.77
C TYR A 201 6.41 2.95 -1.84
N ARG A 202 7.34 3.91 -1.86
CA ARG A 202 7.26 5.12 -2.72
C ARG A 202 7.77 4.73 -4.11
N SER A 203 6.97 5.09 -5.12
CA SER A 203 7.20 4.79 -6.53
C SER A 203 8.37 5.66 -7.04
N PRO A 204 9.10 5.19 -8.07
CA PRO A 204 10.16 5.98 -8.68
C PRO A 204 9.63 7.34 -9.17
N GLU A 205 8.43 7.36 -9.76
CA GLU A 205 7.86 8.65 -10.28
C GLU A 205 7.74 9.66 -9.14
N VAL A 206 7.29 9.26 -7.95
CA VAL A 206 7.19 10.18 -6.79
C VAL A 206 8.59 10.56 -6.26
N LEU A 207 9.53 9.63 -6.12
CA LEU A 207 10.93 9.93 -5.76
C LEU A 207 11.48 10.97 -6.75
N LEU A 208 11.10 10.86 -8.02
CA LEU A 208 11.66 11.72 -9.09
C LEU A 208 10.88 13.02 -9.29
N GLY A 209 9.85 13.26 -8.49
CA GLY A 209 9.12 14.54 -8.49
C GLY A 209 8.20 14.67 -9.67
N MET A 210 7.74 13.57 -10.23
CA MET A 210 6.93 13.59 -11.47
C MET A 210 5.43 13.56 -11.12
N PRO A 211 4.58 14.12 -11.99
CA PRO A 211 3.13 14.07 -11.81
C PRO A 211 2.72 12.59 -11.77
N TYR A 212 1.98 12.18 -10.77
CA TYR A 212 1.73 10.73 -10.53
C TYR A 212 0.26 10.39 -10.85
N ASP A 213 0.01 9.11 -11.06
CA ASP A 213 -1.33 8.56 -11.39
C ASP A 213 -1.54 7.25 -10.62
N LEU A 214 -2.55 6.46 -10.99
CA LEU A 214 -2.94 5.29 -10.18
C LEU A 214 -1.81 4.27 -10.15
N ALA A 215 -0.85 4.32 -11.08
CA ALA A 215 0.24 3.32 -11.18
C ALA A 215 1.12 3.33 -9.91
N ILE A 216 1.18 4.42 -9.16
CA ILE A 216 2.01 4.47 -7.92
C ILE A 216 1.49 3.40 -6.92
N ASP A 217 0.19 3.10 -6.88
CA ASP A 217 -0.34 2.10 -5.94
C ASP A 217 0.14 0.71 -6.37
N MET A 218 0.26 0.45 -7.67
CA MET A 218 0.69 -0.88 -8.16
C MET A 218 2.16 -1.08 -7.77
N TRP A 219 2.99 -0.04 -7.84
CA TRP A 219 4.39 -0.11 -7.37
C TRP A 219 4.38 -0.52 -5.90
N SER A 220 3.63 0.19 -5.05
CA SER A 220 3.52 -0.11 -3.62
C SER A 220 3.14 -1.58 -3.51
N LEU A 221 2.15 -2.05 -4.28
CA LEU A 221 1.63 -3.43 -4.11
C LEU A 221 2.77 -4.41 -4.35
N GLY A 222 3.50 -4.21 -5.45
CA GLY A 222 4.64 -5.08 -5.78
C GLY A 222 5.59 -5.20 -4.59
N CYS A 223 5.99 -4.06 -4.03
CA CYS A 223 6.84 -4.01 -2.84
C CYS A 223 6.22 -4.82 -1.71
N ILE A 224 4.95 -4.61 -1.45
CA ILE A 224 4.21 -5.25 -0.33
C ILE A 224 4.21 -6.77 -0.47
N LEU A 225 3.95 -7.27 -1.68
CA LEU A 225 3.78 -8.73 -1.88
C LEU A 225 5.11 -9.45 -1.66
N VAL A 226 6.22 -8.84 -2.12
CA VAL A 226 7.56 -9.44 -1.89
C VAL A 226 7.76 -9.52 -0.37
N GLU A 227 7.53 -8.42 0.34
CA GLU A 227 7.71 -8.35 1.82
C GLU A 227 6.81 -9.35 2.52
N MET A 228 5.55 -9.51 2.10
CA MET A 228 4.64 -10.47 2.77
C MET A 228 5.27 -11.88 2.72
N HIS A 229 6.01 -12.22 1.65
CA HIS A 229 6.56 -13.59 1.47
C HIS A 229 7.97 -13.75 2.08
N THR A 230 8.80 -12.71 2.05
CA THR A 230 10.18 -12.75 2.61
C THR A 230 10.18 -12.38 4.09
N GLY A 231 9.20 -11.59 4.56
CA GLY A 231 9.16 -11.09 5.94
C GLY A 231 9.77 -9.72 6.07
N GLU A 232 10.52 -9.27 5.07
CA GLU A 232 11.33 -8.04 5.12
C GLU A 232 10.94 -7.09 3.99
N PRO A 233 11.04 -5.77 4.21
CA PRO A 233 10.80 -4.79 3.17
C PRO A 233 11.79 -5.00 2.02
N LEU A 234 11.30 -4.88 0.79
CA LEU A 234 12.12 -5.07 -0.43
C LEU A 234 13.15 -3.93 -0.51
N PHE A 235 12.71 -2.70 -0.23
CA PHE A 235 13.53 -1.49 -0.47
C PHE A 235 13.44 -0.63 0.78
N SER A 236 14.28 -0.86 1.80
CA SER A 236 14.14 -0.18 3.12
C SER A 236 15.04 1.05 3.18
N GLY A 237 14.76 2.05 2.36
CA GLY A 237 15.60 3.26 2.31
C GLY A 237 15.46 4.05 3.59
N ALA A 238 16.58 4.63 4.05
CA ALA A 238 16.66 5.46 5.28
C ALA A 238 16.31 6.92 4.95
N ASN A 239 16.29 7.26 3.68
CA ASN A 239 15.98 8.60 3.13
C ASN A 239 15.81 8.40 1.63
N GLU A 240 15.41 9.43 0.90
CA GLU A 240 15.05 9.26 -0.54
C GLU A 240 16.27 8.78 -1.33
N VAL A 241 17.47 9.29 -1.01
CA VAL A 241 18.66 8.91 -1.80
C VAL A 241 18.93 7.42 -1.58
N ASP A 242 18.84 6.94 -0.35
CA ASP A 242 19.03 5.50 -0.01
C ASP A 242 17.92 4.68 -0.70
N GLN A 243 16.70 5.22 -0.71
CA GLN A 243 15.53 4.51 -1.31
C GLN A 243 15.85 4.24 -2.78
N MET A 244 16.17 5.28 -3.53
CA MET A 244 16.41 5.17 -4.99
C MET A 244 17.61 4.24 -5.23
N ASN A 245 18.64 4.30 -4.39
CA ASN A 245 19.84 3.42 -4.53
C ASN A 245 19.44 1.95 -4.34
N LYS A 246 18.60 1.66 -3.35
CA LYS A 246 18.08 0.29 -3.10
C LYS A 246 17.22 -0.20 -4.26
N ILE A 247 16.43 0.67 -4.87
CA ILE A 247 15.62 0.31 -6.06
C ILE A 247 16.56 -0.02 -7.23
N VAL A 248 17.57 0.83 -7.46
CA VAL A 248 18.55 0.65 -8.57
C VAL A 248 19.33 -0.66 -8.36
N GLU A 249 19.69 -1.01 -7.13
CA GLU A 249 20.38 -2.30 -6.86
C GLU A 249 19.61 -3.44 -7.54
N VAL A 250 18.27 -3.43 -7.44
CA VAL A 250 17.45 -4.58 -7.93
C VAL A 250 17.08 -4.38 -9.39
N LEU A 251 16.79 -3.15 -9.82
CA LEU A 251 16.09 -2.95 -11.12
C LEU A 251 16.97 -2.23 -12.14
N GLY A 252 18.16 -1.78 -11.76
CA GLY A 252 19.06 -1.03 -12.67
C GLY A 252 18.75 0.45 -12.72
N ILE A 253 19.48 1.16 -13.55
CA ILE A 253 19.29 2.61 -13.78
C ILE A 253 17.93 2.76 -14.45
N PRO A 254 17.08 3.71 -14.00
CA PRO A 254 15.82 3.96 -14.70
C PRO A 254 16.03 4.37 -16.15
N PRO A 255 15.08 4.11 -17.06
CA PRO A 255 15.25 4.45 -18.46
C PRO A 255 15.43 5.96 -18.67
N ALA A 256 16.24 6.28 -19.66
CA ALA A 256 16.62 7.67 -19.99
C ALA A 256 15.36 8.51 -20.24
N HIS A 257 14.36 7.97 -20.93
CA HIS A 257 13.16 8.74 -21.32
C HIS A 257 12.44 9.22 -20.06
N ILE A 258 12.51 8.43 -18.97
CA ILE A 258 11.91 8.80 -17.67
C ILE A 258 12.78 9.87 -17.02
N LEU A 259 14.08 9.61 -16.90
CA LEU A 259 15.02 10.56 -16.22
C LEU A 259 15.04 11.92 -16.93
N ASP A 260 15.04 11.92 -18.26
CA ASP A 260 14.98 13.16 -19.08
C ASP A 260 13.75 14.01 -18.75
N GLN A 261 12.69 13.45 -18.16
CA GLN A 261 11.46 14.22 -17.89
C GLN A 261 11.27 14.48 -16.41
N ALA A 262 12.23 14.13 -15.57
CA ALA A 262 12.04 14.11 -14.11
C ALA A 262 12.62 15.34 -13.46
N PRO A 263 11.79 16.19 -12.79
CA PRO A 263 12.31 17.34 -12.06
C PRO A 263 13.46 16.96 -11.12
N LYS A 264 13.44 15.77 -10.50
CA LYS A 264 14.38 15.49 -9.39
C LYS A 264 15.41 14.43 -9.82
N ALA A 265 15.54 14.15 -11.10
CA ALA A 265 16.49 13.11 -11.59
C ALA A 265 17.87 13.36 -10.98
N ARG A 266 18.31 14.64 -10.91
CA ARG A 266 19.68 15.04 -10.49
C ARG A 266 19.84 15.00 -8.97
N LYS A 267 18.78 14.72 -8.21
CA LYS A 267 18.90 14.25 -6.81
C LYS A 267 19.67 12.92 -6.75
N PHE A 268 19.55 12.06 -7.78
CA PHE A 268 20.03 10.67 -7.68
C PHE A 268 21.03 10.35 -8.80
N PHE A 269 20.91 11.01 -9.96
CA PHE A 269 21.55 10.54 -11.22
C PHE A 269 22.32 11.69 -11.89
N GLU A 270 23.24 11.33 -12.79
CA GLU A 270 24.01 12.26 -13.66
C GLU A 270 23.86 11.81 -15.10
N LYS A 271 23.66 12.78 -15.99
CA LYS A 271 23.56 12.59 -17.47
C LYS A 271 24.94 12.85 -18.05
N LEU A 272 25.36 12.03 -19.03
CA LEU A 272 26.69 12.12 -19.71
C LEU A 272 26.52 12.72 -21.10
N PRO A 273 27.63 13.09 -21.79
CA PRO A 273 27.56 13.64 -23.15
C PRO A 273 26.61 12.90 -24.11
N ASP A 274 26.63 11.56 -24.07
CA ASP A 274 25.93 10.67 -25.04
C ASP A 274 24.49 10.38 -24.58
N GLY A 275 23.94 11.17 -23.66
CA GLY A 275 22.53 11.13 -23.22
C GLY A 275 22.23 9.94 -22.32
N THR A 276 23.27 9.26 -21.83
CA THR A 276 23.15 8.12 -20.88
C THR A 276 23.14 8.69 -19.46
N TRP A 277 22.56 7.95 -18.52
CA TRP A 277 22.50 8.36 -17.10
C TRP A 277 23.21 7.31 -16.24
N ASN A 278 23.75 7.74 -15.11
CA ASN A 278 24.47 6.91 -14.12
C ASN A 278 24.12 7.39 -12.72
N LEU A 279 24.28 6.52 -11.73
CA LEU A 279 24.13 6.98 -10.34
C LEU A 279 25.10 8.13 -10.08
N LYS A 280 24.64 9.16 -9.39
CA LYS A 280 25.49 9.99 -8.53
C LYS A 280 26.05 9.06 -7.42
N LYS A 281 27.36 9.01 -7.23
CA LYS A 281 27.98 8.21 -6.13
C LYS A 281 28.21 9.15 -4.93
N THR A 282 27.97 8.71 -3.69
CA THR A 282 28.44 9.45 -2.48
C THR A 282 29.61 8.64 -1.84
N LYS A 283 30.08 9.02 -0.63
CA LYS A 283 31.03 8.23 0.20
C LYS A 283 30.52 6.81 0.40
N ASP A 284 31.41 5.80 0.30
CA ASP A 284 31.17 4.41 0.79
C ASP A 284 31.37 4.41 2.31
N TYR A 289 26.66 0.01 -2.11
CA TYR A 289 25.53 -0.66 -2.82
C TYR A 289 26.07 -1.69 -3.82
N LYS A 290 25.33 -2.77 -4.05
CA LYS A 290 25.57 -3.69 -5.19
C LYS A 290 25.46 -2.89 -6.48
N PRO A 291 26.22 -3.27 -7.53
CA PRO A 291 26.12 -2.58 -8.82
C PRO A 291 24.70 -2.62 -9.37
N PRO A 292 24.30 -1.62 -10.19
CA PRO A 292 22.92 -1.54 -10.69
C PRO A 292 22.41 -2.87 -11.26
N GLY A 293 21.24 -3.31 -10.79
CA GLY A 293 20.53 -4.46 -11.37
C GLY A 293 21.17 -5.79 -10.97
N THR A 294 22.11 -5.82 -10.04
CA THR A 294 22.76 -7.12 -9.67
C THR A 294 22.16 -7.73 -8.40
N ARG A 295 21.36 -7.02 -7.62
CA ARG A 295 20.60 -7.67 -6.51
C ARG A 295 19.31 -8.21 -7.13
N LYS A 296 19.37 -9.45 -7.63
CA LYS A 296 18.32 -10.03 -8.50
C LYS A 296 17.09 -10.41 -7.64
N LEU A 297 15.89 -10.04 -8.08
CA LEU A 297 14.66 -10.47 -7.39
C LEU A 297 14.61 -12.01 -7.37
N HIS A 298 15.14 -12.65 -8.42
CA HIS A 298 15.32 -14.13 -8.51
C HIS A 298 15.95 -14.67 -7.22
N ASN A 299 16.94 -13.98 -6.64
CA ASN A 299 17.69 -14.49 -5.45
C ASN A 299 16.98 -14.01 -4.19
N ILE A 300 16.34 -12.84 -4.22
CA ILE A 300 15.60 -12.36 -3.02
C ILE A 300 14.50 -13.36 -2.73
N LEU A 301 13.81 -13.81 -3.78
CA LEU A 301 12.67 -14.75 -3.62
C LEU A 301 13.19 -16.19 -3.39
N GLY A 302 14.43 -16.48 -3.74
CA GLY A 302 14.97 -17.86 -3.66
C GLY A 302 14.29 -18.78 -4.66
N VAL A 303 13.99 -18.30 -5.87
CA VAL A 303 13.19 -19.07 -6.87
C VAL A 303 13.77 -20.48 -7.03
N GLU A 304 15.09 -20.60 -7.18
CA GLU A 304 15.75 -21.90 -7.47
C GLU A 304 16.43 -22.46 -6.23
N THR A 305 16.14 -21.90 -5.04
CA THR A 305 16.89 -22.20 -3.81
C THR A 305 15.98 -22.36 -2.59
N GLY A 306 14.74 -22.84 -2.76
CA GLY A 306 13.82 -23.15 -1.64
C GLY A 306 13.21 -21.90 -0.99
N GLY A 307 13.04 -20.82 -1.75
CA GLY A 307 12.32 -19.63 -1.29
C GLY A 307 13.16 -18.76 -0.38
N PRO A 308 12.59 -17.72 0.26
CA PRO A 308 13.38 -16.80 1.06
C PRO A 308 14.14 -17.53 2.17
N GLY A 309 15.45 -17.27 2.26
CA GLY A 309 16.38 -17.95 3.19
C GLY A 309 16.28 -19.47 3.11
N GLY A 310 15.84 -20.02 1.98
CA GLY A 310 15.66 -21.47 1.77
C GLY A 310 14.63 -22.07 2.71
N ARG A 311 13.79 -21.26 3.36
CA ARG A 311 12.87 -21.72 4.41
C ARG A 311 11.67 -22.46 3.83
N ARG A 312 11.41 -22.43 2.52
CA ARG A 312 10.23 -23.12 1.93
C ARG A 312 10.64 -24.42 1.19
N ALA A 313 11.89 -24.85 1.27
CA ALA A 313 12.44 -26.07 0.61
C ALA A 313 11.51 -27.27 0.89
N GLY A 314 10.95 -27.84 -0.18
CA GLY A 314 10.15 -29.07 -0.09
C GLY A 314 8.71 -28.80 0.30
N GLU A 315 8.32 -27.56 0.63
CA GLU A 315 6.90 -27.25 0.96
C GLU A 315 6.08 -27.31 -0.32
N SER A 316 4.88 -27.84 -0.22
CA SER A 316 3.84 -27.81 -1.27
C SER A 316 3.59 -26.36 -1.70
N GLY A 317 3.30 -26.12 -2.98
CA GLY A 317 2.94 -24.80 -3.54
C GLY A 317 4.11 -23.82 -3.64
N HIS A 318 5.35 -24.28 -3.55
CA HIS A 318 6.56 -23.44 -3.60
C HIS A 318 7.56 -24.06 -4.56
N THR A 319 7.06 -24.56 -5.70
CA THR A 319 7.90 -25.10 -6.79
C THR A 319 8.56 -23.92 -7.51
N VAL A 320 9.72 -24.16 -8.13
CA VAL A 320 10.35 -23.22 -9.09
C VAL A 320 9.29 -22.59 -10.00
N ALA A 321 8.39 -23.37 -10.62
CA ALA A 321 7.40 -22.86 -11.60
C ALA A 321 6.48 -21.83 -10.94
N ASP A 322 6.08 -22.12 -9.69
CA ASP A 322 5.19 -21.25 -8.88
C ASP A 322 5.92 -19.93 -8.64
N TYR A 323 7.20 -20.03 -8.30
CA TYR A 323 8.08 -18.89 -7.97
C TYR A 323 8.30 -18.02 -9.20
N LEU A 324 8.45 -18.64 -10.36
CA LEU A 324 8.77 -17.88 -11.60
C LEU A 324 7.56 -17.04 -11.96
N LYS A 325 6.37 -17.59 -11.81
CA LYS A 325 5.13 -16.82 -12.11
C LYS A 325 5.10 -15.61 -11.19
N PHE A 326 5.39 -15.82 -9.90
CA PHE A 326 5.31 -14.75 -8.89
C PHE A 326 6.35 -13.69 -9.29
N LYS A 327 7.58 -14.11 -9.53
CA LYS A 327 8.67 -13.19 -9.96
C LYS A 327 8.23 -12.37 -11.18
N ASP A 328 7.68 -13.02 -12.20
CA ASP A 328 7.23 -12.31 -13.41
C ASP A 328 6.21 -11.22 -13.05
N LEU A 329 5.22 -11.58 -12.25
CA LEU A 329 4.15 -10.63 -11.89
C LEU A 329 4.78 -9.44 -11.17
N ILE A 330 5.64 -9.72 -10.20
CA ILE A 330 6.23 -8.63 -9.39
C ILE A 330 7.06 -7.72 -10.30
N LEU A 331 7.87 -8.28 -11.22
CA LEU A 331 8.69 -7.42 -12.09
C LEU A 331 7.81 -6.55 -12.99
N ARG A 332 6.59 -6.99 -13.30
CA ARG A 332 5.64 -6.18 -14.10
C ARG A 332 5.09 -5.07 -13.20
N MET A 333 4.88 -5.34 -11.92
CA MET A 333 4.39 -4.32 -10.97
C MET A 333 5.51 -3.30 -10.70
N LEU A 334 6.77 -3.70 -10.86
CA LEU A 334 7.94 -2.81 -10.56
C LEU A 334 8.60 -2.28 -11.85
N ASP A 335 7.84 -2.20 -12.94
CA ASP A 335 8.24 -1.45 -14.15
C ASP A 335 8.51 0.00 -13.72
N TYR A 336 9.67 0.53 -14.08
CA TYR A 336 9.99 1.95 -13.86
C TYR A 336 8.98 2.85 -14.58
N ASP A 337 8.44 2.38 -15.70
CA ASP A 337 7.61 3.24 -16.59
C ASP A 337 6.16 3.12 -16.14
N PRO A 338 5.54 4.17 -15.54
CA PRO A 338 4.15 4.08 -15.10
C PRO A 338 3.16 3.84 -16.25
N LYS A 339 3.61 4.14 -17.47
CA LYS A 339 2.80 3.96 -18.69
C LYS A 339 2.65 2.45 -18.95
N THR A 340 3.72 1.69 -18.78
CA THR A 340 3.77 0.25 -19.19
C THR A 340 3.64 -0.66 -17.96
N ARG A 341 3.79 -0.13 -16.75
CA ARG A 341 3.58 -0.93 -15.51
C ARG A 341 2.23 -1.65 -15.60
N ILE A 342 2.18 -2.90 -15.14
CA ILE A 342 0.94 -3.70 -15.27
C ILE A 342 -0.20 -3.00 -14.54
N GLN A 343 -1.39 -3.06 -15.13
CA GLN A 343 -2.63 -2.46 -14.57
C GLN A 343 -3.45 -3.56 -13.92
N PRO A 344 -4.36 -3.22 -12.98
CA PRO A 344 -5.03 -4.20 -12.14
C PRO A 344 -5.74 -5.34 -12.90
N TYR A 345 -6.44 -5.02 -13.99
CA TYR A 345 -7.19 -6.04 -14.75
C TYR A 345 -6.20 -7.05 -15.29
N TYR A 346 -5.12 -6.57 -15.89
CA TYR A 346 -4.13 -7.45 -16.51
C TYR A 346 -3.39 -8.21 -15.40
N ALA A 347 -3.20 -7.61 -14.23
CA ALA A 347 -2.52 -8.35 -13.13
C ALA A 347 -3.42 -9.55 -12.76
N LEU A 348 -4.73 -9.34 -12.70
CA LEU A 348 -5.68 -10.42 -12.35
C LEU A 348 -5.66 -11.56 -13.39
N GLN A 349 -5.26 -11.30 -14.64
CA GLN A 349 -5.23 -12.35 -15.71
C GLN A 349 -3.87 -13.02 -15.71
N HIS A 350 -2.92 -12.63 -14.85
CA HIS A 350 -1.56 -13.21 -14.87
C HIS A 350 -1.61 -14.69 -14.49
N SER A 351 -0.66 -15.49 -14.97
CA SER A 351 -0.61 -16.95 -14.73
C SER A 351 -0.49 -17.23 -13.23
N PHE A 352 0.04 -16.29 -12.44
CA PHE A 352 0.23 -16.50 -10.98
C PHE A 352 -1.13 -16.83 -10.35
N PHE A 353 -2.20 -16.33 -10.92
CA PHE A 353 -3.56 -16.52 -10.36
C PHE A 353 -4.32 -17.69 -11.04
N LYS A 354 -3.70 -18.44 -11.93
CA LYS A 354 -4.37 -19.58 -12.62
C LYS A 354 -4.24 -20.87 -11.80
N LYS A 355 -5.33 -21.64 -11.67
CA LYS A 355 -5.36 -22.99 -11.04
C LYS A 355 -4.80 -24.03 -12.04
C1 QYK B . -6.52 0.52 13.15
N1 QYK B . -7.77 0.54 12.39
C2 QYK B . -8.08 1.45 11.37
BR1 QYK B . -6.98 2.79 10.69
C3 QYK B . -9.33 1.17 10.89
C4 QYK B . -9.96 1.86 9.84
N2 QYK B . -10.52 2.40 8.97
C5 QYK B . -9.82 0.04 11.63
C6 QYK B . -8.83 -0.32 12.56
N3 QYK B . -8.94 -1.33 13.44
C7 QYK B . -10.10 -1.96 13.34
N4 QYK B . -11.14 -1.73 12.50
C8 QYK B . -11.02 -0.71 11.64
N5 QYK B . -12.02 -0.45 10.80
#